data_8INP
#
_entry.id   8INP
#
_cell.length_a   49.134
_cell.length_b   83.395
_cell.length_c   160.478
_cell.angle_alpha   90.00
_cell.angle_beta   90.00
_cell.angle_gamma   90.00
#
_symmetry.space_group_name_H-M   'P 2 21 21'
#
loop_
_entity.id
_entity.type
_entity.pdbx_description
1 polymer Bc7OUGT
2 non-polymer "URIDINE-5'-DIPHOSPHATE"
3 non-polymer beta-D-glucopyranose
4 water water
#
_entity_poly.entity_id   1
_entity_poly.type   'polypeptide(L)'
_entity_poly.pdbx_seq_one_letter_code
;MSAKPTTVVLYPSPGMGHLVSMFELAKLLDRHGLSVTVIIVEPHYNTGSTAAFIARSSASNPSVSFRVLPRPDSLPHNPS
RHHEAHAFDLLRLSNPELRRFLLESPPSALVLDYFCGNALDVSAELRIPAYYFFTSGAGVLSAFLHFPDLHSRTAASFRE
MGSSPLHFPGIPPLPADHMPVPMLDRDDPVYESFLYFSKRLKEAEGYIINTFEDLEPRAVAAISDAALPPNYCIGPLIQS
RDRESSSSRGGSECLAWLDAQPKRSVVFLCFGSIGLFSSEQLKEMAVGLERSGQRFLWVVRSPPSGDSDKLFEAPREPDL
ERILPEGFLERTEGRGLVVKSWAPQAAVLEHGSVGGFVTHCGWNSTLEAIASGVPMVAWPMYAEQWMNKVFLVEEMKLAV
PMEGYDKDMVTAEEVERKVRWLMESEGGVELRARTERAKERAAASLAEGGKSKVALLEVVERMKRGI
;
_entity_poly.pdbx_strand_id   A
#
loop_
_chem_comp.id
_chem_comp.type
_chem_comp.name
_chem_comp.formula
BGC D-saccharide, beta linking beta-D-glucopyranose 'C6 H12 O6'
UDP RNA linking URIDINE-5'-DIPHOSPHATE 'C9 H14 N2 O12 P2'
#
# COMPACT_ATOMS: atom_id res chain seq x y z
N PRO A 5 0.41 -11.74 31.30
CA PRO A 5 0.72 -11.16 30.00
C PRO A 5 -0.53 -10.98 29.13
N THR A 6 -0.64 -9.86 28.44
CA THR A 6 -1.80 -9.58 27.61
C THR A 6 -1.59 -10.09 26.19
N THR A 7 -2.63 -10.70 25.63
CA THR A 7 -2.53 -11.48 24.41
C THR A 7 -3.34 -10.84 23.31
N VAL A 8 -2.72 -10.70 22.13
CA VAL A 8 -3.33 -10.11 20.94
C VAL A 8 -3.34 -11.15 19.84
N VAL A 9 -4.50 -11.32 19.19
CA VAL A 9 -4.63 -12.15 18.00
C VAL A 9 -4.84 -11.23 16.81
N LEU A 10 -3.95 -11.35 15.81
CA LEU A 10 -3.99 -10.58 14.57
C LEU A 10 -4.43 -11.50 13.44
N TYR A 11 -5.39 -11.03 12.61
CA TYR A 11 -6.08 -11.85 11.62
C TYR A 11 -6.01 -11.21 10.23
N PRO A 12 -4.94 -11.44 9.48
CA PRO A 12 -4.87 -10.91 8.12
C PRO A 12 -5.77 -11.70 7.18
N SER A 13 -6.15 -11.07 6.07
CA SER A 13 -6.88 -11.84 5.07
C SER A 13 -5.89 -12.66 4.24
N PRO A 14 -6.36 -13.65 3.49
CA PRO A 14 -5.40 -14.53 2.81
C PRO A 14 -4.60 -13.77 1.77
N GLY A 15 -3.37 -14.23 1.57
CA GLY A 15 -2.56 -13.45 0.65
C GLY A 15 -1.30 -13.05 1.37
N MET A 16 -0.16 -13.31 0.71
CA MET A 16 1.15 -13.00 1.26
C MET A 16 1.31 -11.50 1.54
N GLY A 17 0.73 -10.63 0.71
CA GLY A 17 0.80 -9.21 0.98
C GLY A 17 0.15 -8.83 2.31
N HIS A 18 -1.04 -9.37 2.57
CA HIS A 18 -1.73 -9.07 3.82
C HIS A 18 -0.99 -9.68 5.02
N LEU A 19 -0.42 -10.88 4.84
CA LEU A 19 0.31 -11.53 5.92
C LEU A 19 1.58 -10.77 6.29
N VAL A 20 2.35 -10.31 5.29
CA VAL A 20 3.56 -9.55 5.54
C VAL A 20 3.23 -8.25 6.28
N SER A 21 2.20 -7.52 5.82
CA SER A 21 1.79 -6.29 6.51
C SER A 21 1.43 -6.55 7.97
N MET A 22 0.56 -7.54 8.21
CA MET A 22 0.11 -7.82 9.57
C MET A 22 1.27 -8.28 10.46
N PHE A 23 2.26 -8.97 9.90
CA PHE A 23 3.40 -9.41 10.71
C PHE A 23 4.20 -8.21 11.22
N GLU A 24 4.30 -7.15 10.41
CA GLU A 24 5.03 -5.96 10.86
C GLU A 24 4.37 -5.37 12.09
N LEU A 25 3.04 -5.37 12.14
CA LEU A 25 2.31 -4.94 13.33
C LEU A 25 2.51 -5.91 14.50
N ALA A 26 2.60 -7.21 14.21
CA ALA A 26 2.81 -8.19 15.28
C ALA A 26 4.17 -7.99 15.96
N LYS A 27 5.21 -7.67 15.19
CA LYS A 27 6.51 -7.41 15.78
C LYS A 27 6.50 -6.17 16.69
N LEU A 28 5.76 -5.12 16.31
CA LEU A 28 5.61 -3.95 17.18
C LEU A 28 4.90 -4.29 18.48
N LEU A 29 3.70 -4.85 18.39
CA LEU A 29 2.97 -5.16 19.62
C LEU A 29 3.79 -6.06 20.52
N ASP A 30 4.54 -7.00 19.93
CA ASP A 30 5.40 -7.86 20.73
C ASP A 30 6.53 -7.06 21.36
N ARG A 31 7.15 -6.16 20.58
CA ARG A 31 8.22 -5.32 21.11
C ARG A 31 7.80 -4.64 22.41
N HIS A 32 6.55 -4.19 22.46
CA HIS A 32 6.00 -3.47 23.60
C HIS A 32 5.20 -4.37 24.51
N GLY A 33 5.69 -5.60 24.70
CA GLY A 33 5.24 -6.45 25.78
C GLY A 33 3.97 -7.24 25.57
N LEU A 34 3.41 -7.27 24.37
CA LEU A 34 2.19 -8.02 24.15
C LEU A 34 2.50 -9.42 23.63
N SER A 35 1.56 -10.35 23.82
CA SER A 35 1.75 -11.75 23.44
C SER A 35 0.94 -12.02 22.18
N VAL A 36 1.63 -12.12 21.04
CA VAL A 36 1.01 -12.01 19.71
C VAL A 36 0.89 -13.39 19.07
N THR A 37 -0.31 -13.69 18.54
CA THR A 37 -0.54 -14.80 17.62
C THR A 37 -1.12 -14.28 16.31
N VAL A 38 -0.56 -14.74 15.19
CA VAL A 38 -1.09 -14.42 13.88
C VAL A 38 -1.86 -15.61 13.32
N ILE A 39 -3.12 -15.38 12.92
CA ILE A 39 -3.99 -16.40 12.31
C ILE A 39 -3.74 -16.47 10.81
N ILE A 40 -3.57 -17.69 10.29
CA ILE A 40 -3.30 -17.93 8.87
C ILE A 40 -4.49 -18.65 8.25
N VAL A 41 -5.08 -18.05 7.21
CA VAL A 41 -5.96 -18.75 6.28
C VAL A 41 -5.23 -18.81 4.94
N GLU A 42 -5.08 -20.01 4.39
CA GLU A 42 -4.20 -20.02 3.21
C GLU A 42 -5.02 -19.91 1.93
N PRO A 43 -4.54 -19.16 0.92
CA PRO A 43 -5.25 -19.04 -0.35
C PRO A 43 -4.95 -20.22 -1.24
N GLY A 48 3.27 -17.00 -1.87
CA GLY A 48 4.65 -17.36 -2.09
C GLY A 48 5.23 -18.28 -1.02
N SER A 49 4.48 -19.34 -0.69
CA SER A 49 4.80 -20.25 0.40
C SER A 49 4.61 -19.57 1.75
N THR A 50 3.41 -19.75 2.29
CA THR A 50 3.16 -19.45 3.70
C THR A 50 4.14 -20.19 4.59
N ALA A 51 4.39 -21.47 4.30
CA ALA A 51 5.28 -22.29 5.11
C ALA A 51 6.68 -21.67 5.24
N ALA A 52 7.27 -21.23 4.12
CA ALA A 52 8.59 -20.59 4.20
C ALA A 52 8.52 -19.31 5.02
N PHE A 53 7.41 -18.56 4.91
CA PHE A 53 7.27 -17.34 5.71
C PHE A 53 7.17 -17.67 7.20
N ILE A 54 6.40 -18.69 7.55
CA ILE A 54 6.26 -19.03 8.97
C ILE A 54 7.59 -19.51 9.52
N ALA A 55 8.38 -20.22 8.71
CA ALA A 55 9.67 -20.71 9.20
C ALA A 55 10.66 -19.56 9.40
N ARG A 56 10.77 -18.66 8.43
CA ARG A 56 11.71 -17.56 8.59
C ARG A 56 11.29 -16.66 9.75
N SER A 57 9.99 -16.35 9.86
CA SER A 57 9.50 -15.48 10.93
C SER A 57 9.78 -16.08 12.30
N SER A 58 9.56 -17.39 12.47
CA SER A 58 9.79 -18.04 13.76
C SER A 58 11.26 -18.05 14.13
N ALA A 59 12.14 -18.13 13.14
CA ALA A 59 13.58 -18.08 13.40
C ALA A 59 14.03 -16.67 13.78
N SER A 60 13.40 -15.64 13.22
CA SER A 60 13.82 -14.27 13.48
C SER A 60 13.08 -13.63 14.63
N ASN A 61 11.83 -14.01 14.88
CA ASN A 61 11.02 -13.42 15.94
C ASN A 61 10.25 -14.52 16.64
N PRO A 62 10.94 -15.34 17.45
CA PRO A 62 10.27 -16.52 18.07
C PRO A 62 9.12 -16.18 18.98
N SER A 63 9.04 -14.99 19.55
CA SER A 63 7.94 -14.70 20.45
C SER A 63 6.60 -14.52 19.72
N VAL A 64 6.61 -14.31 18.41
CA VAL A 64 5.36 -14.18 17.66
C VAL A 64 4.91 -15.57 17.23
N SER A 65 3.74 -15.97 17.67
CA SER A 65 3.19 -17.28 17.33
C SER A 65 2.25 -17.18 16.12
N PHE A 66 2.05 -18.34 15.49
CA PHE A 66 1.15 -18.50 14.35
C PHE A 66 0.19 -19.65 14.61
N ARG A 67 -1.06 -19.48 14.19
CA ARG A 67 -2.05 -20.56 14.19
C ARG A 67 -2.68 -20.66 12.81
N VAL A 68 -2.58 -21.83 12.19
CA VAL A 68 -3.04 -22.04 10.83
C VAL A 68 -4.41 -22.71 10.89
N LEU A 69 -5.46 -22.00 10.47
CA LEU A 69 -6.80 -22.58 10.53
C LEU A 69 -6.96 -23.65 9.44
N PRO A 70 -7.63 -24.75 9.76
CA PRO A 70 -7.88 -25.77 8.73
C PRO A 70 -8.70 -25.20 7.58
N ARG A 71 -8.39 -25.66 6.37
CA ARG A 71 -9.12 -25.24 5.19
C ARG A 71 -10.56 -25.78 5.26
N PRO A 72 -11.57 -24.94 4.95
CA PRO A 72 -12.98 -25.33 4.99
C PRO A 72 -13.44 -26.14 3.77
N HIS A 82 -13.88 -12.41 -9.21
CA HIS A 82 -12.72 -11.55 -9.00
C HIS A 82 -11.57 -12.22 -8.21
N HIS A 83 -10.36 -11.69 -8.32
CA HIS A 83 -9.23 -12.32 -7.63
C HIS A 83 -9.34 -12.20 -6.12
N GLU A 84 -10.04 -11.17 -5.63
CA GLU A 84 -10.41 -11.12 -4.23
C GLU A 84 -11.61 -12.01 -3.90
N ALA A 85 -12.30 -12.55 -4.90
CA ALA A 85 -13.56 -13.23 -4.63
C ALA A 85 -13.34 -14.53 -3.88
N HIS A 86 -12.28 -15.29 -4.22
CA HIS A 86 -12.04 -16.53 -3.50
C HIS A 86 -11.54 -16.26 -2.09
N ALA A 87 -10.81 -15.17 -1.87
CA ALA A 87 -10.44 -14.78 -0.52
C ALA A 87 -11.67 -14.57 0.34
N PHE A 88 -12.67 -13.83 -0.19
CA PHE A 88 -13.86 -13.49 0.60
C PHE A 88 -14.64 -14.73 0.98
N ASP A 89 -14.69 -15.73 0.11
CA ASP A 89 -15.36 -16.99 0.47
C ASP A 89 -14.58 -17.74 1.55
N LEU A 90 -13.27 -17.87 1.38
CA LEU A 90 -12.44 -18.53 2.40
C LEU A 90 -12.68 -17.93 3.79
N LEU A 91 -12.65 -16.59 3.88
CA LEU A 91 -12.79 -15.92 5.17
C LEU A 91 -14.15 -16.22 5.80
N ARG A 92 -15.21 -16.26 4.99
CA ARG A 92 -16.54 -16.52 5.55
C ARG A 92 -16.63 -17.94 6.06
N LEU A 93 -16.21 -18.91 5.25
CA LEU A 93 -16.22 -20.29 5.70
C LEU A 93 -15.18 -20.57 6.78
N SER A 94 -14.40 -19.57 7.22
CA SER A 94 -13.39 -19.78 8.25
C SER A 94 -13.87 -19.37 9.62
N ASN A 95 -15.01 -18.66 9.71
CA ASN A 95 -15.55 -18.23 11.00
C ASN A 95 -15.71 -19.36 12.03
N PRO A 96 -16.16 -20.57 11.69
CA PRO A 96 -16.26 -21.62 12.74
C PRO A 96 -14.90 -21.99 13.33
N GLU A 97 -13.90 -22.23 12.48
CA GLU A 97 -12.56 -22.55 12.97
C GLU A 97 -11.97 -21.40 13.77
N LEU A 98 -12.26 -20.17 13.37
CA LEU A 98 -11.77 -19.02 14.15
C LEU A 98 -12.43 -19.00 15.52
N ARG A 99 -13.75 -19.21 15.55
CA ARG A 99 -14.51 -19.29 16.79
C ARG A 99 -13.88 -20.27 17.77
N ARG A 100 -13.57 -21.48 17.30
CA ARG A 100 -13.05 -22.50 18.20
C ARG A 100 -11.71 -22.10 18.80
N PHE A 101 -10.78 -21.62 17.95
CA PHE A 101 -9.48 -21.23 18.46
C PHE A 101 -9.61 -20.10 19.48
N LEU A 102 -10.56 -19.19 19.25
CA LEU A 102 -10.74 -18.10 20.20
C LEU A 102 -11.39 -18.60 21.48
N LEU A 103 -12.23 -19.63 21.40
CA LEU A 103 -12.83 -20.20 22.60
C LEU A 103 -11.77 -20.89 23.46
N GLU A 104 -10.78 -21.53 22.84
CA GLU A 104 -9.70 -22.14 23.60
C GLU A 104 -9.06 -21.15 24.57
N SER A 105 -8.55 -20.04 24.06
CA SER A 105 -7.92 -19.01 24.90
C SER A 105 -8.34 -17.63 24.42
N PRO A 106 -9.44 -17.10 24.95
CA PRO A 106 -9.84 -15.73 24.64
C PRO A 106 -8.68 -14.77 24.85
N PRO A 107 -8.42 -13.88 23.90
CA PRO A 107 -7.36 -12.88 24.06
C PRO A 107 -7.91 -11.55 24.55
N SER A 108 -6.97 -10.68 24.93
CA SER A 108 -7.33 -9.32 25.34
C SER A 108 -7.87 -8.50 24.16
N ALA A 109 -7.48 -8.82 22.92
CA ALA A 109 -7.88 -7.99 21.78
C ALA A 109 -7.70 -8.73 20.46
N LEU A 110 -8.54 -8.36 19.48
CA LEU A 110 -8.50 -8.89 18.12
C LEU A 110 -8.21 -7.77 17.12
N VAL A 111 -7.29 -8.01 16.19
CA VAL A 111 -6.91 -7.05 15.16
C VAL A 111 -7.27 -7.63 13.80
N LEU A 112 -8.16 -6.94 13.08
CA LEU A 112 -8.71 -7.42 11.80
C LEU A 112 -8.19 -6.60 10.62
N ASP A 113 -8.13 -7.28 9.48
CA ASP A 113 -7.95 -6.68 8.17
C ASP A 113 -9.30 -6.15 7.66
N TYR A 114 -9.25 -5.09 6.84
CA TYR A 114 -10.48 -4.59 6.21
C TYR A 114 -11.30 -5.71 5.59
N PHE A 115 -10.65 -6.69 4.95
CA PHE A 115 -11.41 -7.77 4.30
C PHE A 115 -11.98 -8.81 5.27
N CYS A 116 -11.69 -8.69 6.56
CA CYS A 116 -12.02 -9.73 7.55
C CYS A 116 -13.26 -9.36 8.37
N GLY A 117 -14.24 -8.70 7.75
CA GLY A 117 -15.41 -8.22 8.48
C GLY A 117 -16.27 -9.33 9.07
N ASN A 118 -16.40 -10.46 8.37
CA ASN A 118 -17.21 -11.57 8.87
C ASN A 118 -16.81 -12.01 10.26
N ALA A 119 -15.52 -11.84 10.60
CA ALA A 119 -15.04 -12.20 11.92
C ALA A 119 -15.62 -11.34 13.02
N LEU A 120 -16.28 -10.22 12.70
CA LEU A 120 -16.88 -9.41 13.74
C LEU A 120 -18.09 -10.10 14.35
N ASP A 121 -18.75 -10.99 13.60
CA ASP A 121 -19.70 -11.92 14.19
C ASP A 121 -19.08 -12.62 15.40
N VAL A 122 -17.96 -13.31 15.17
CA VAL A 122 -17.31 -14.06 16.24
C VAL A 122 -16.86 -13.14 17.36
N SER A 123 -16.30 -11.98 17.03
CA SER A 123 -15.74 -11.13 18.08
C SER A 123 -16.82 -10.51 18.97
N ALA A 124 -18.04 -10.39 18.48
CA ALA A 124 -19.13 -9.81 19.27
C ALA A 124 -19.74 -10.86 20.21
N GLU A 125 -20.02 -12.05 19.68
CA GLU A 125 -20.51 -13.16 20.49
C GLU A 125 -19.63 -13.40 21.71
N LEU A 126 -18.32 -13.28 21.54
CA LEU A 126 -17.36 -13.52 22.63
C LEU A 126 -16.95 -12.26 23.36
N ARG A 127 -17.55 -11.12 23.00
CA ARG A 127 -17.27 -9.83 23.64
C ARG A 127 -15.77 -9.56 23.69
N ILE A 128 -15.15 -9.56 22.53
CA ILE A 128 -13.72 -9.30 22.37
C ILE A 128 -13.55 -7.96 21.67
N PRO A 129 -12.72 -7.05 22.20
CA PRO A 129 -12.46 -5.80 21.48
C PRO A 129 -11.73 -6.07 20.17
N ALA A 130 -12.28 -5.54 19.08
CA ALA A 130 -11.81 -5.79 17.72
C ALA A 130 -11.33 -4.48 17.10
N TYR A 131 -10.07 -4.45 16.70
CA TYR A 131 -9.46 -3.30 16.03
C TYR A 131 -9.18 -3.64 14.58
N TYR A 132 -9.35 -2.67 13.68
CA TYR A 132 -8.90 -2.81 12.31
C TYR A 132 -7.47 -2.30 12.20
N PHE A 133 -6.63 -3.03 11.45
CA PHE A 133 -5.36 -2.54 10.97
C PHE A 133 -5.61 -2.16 9.51
N PHE A 134 -5.58 -0.87 9.21
CA PHE A 134 -5.85 -0.38 7.85
C PHE A 134 -4.50 -0.09 7.22
N THR A 135 -4.17 -0.86 6.19
CA THR A 135 -2.83 -0.84 5.61
C THR A 135 -2.66 0.24 4.55
N SER A 136 -3.69 0.97 4.19
CA SER A 136 -3.54 2.15 3.34
C SER A 136 -3.67 3.39 4.22
N GLY A 137 -3.68 4.58 3.59
CA GLY A 137 -3.64 5.83 4.33
C GLY A 137 -5.00 6.23 4.89
N ALA A 138 -5.01 7.38 5.58
CA ALA A 138 -6.27 7.86 6.14
C ALA A 138 -7.22 8.40 5.07
N GLY A 139 -6.70 8.93 3.97
CA GLY A 139 -7.57 9.37 2.89
C GLY A 139 -8.41 8.23 2.35
N VAL A 140 -7.80 7.07 2.15
CA VAL A 140 -8.52 5.90 1.65
C VAL A 140 -9.56 5.43 2.67
N LEU A 141 -9.19 5.45 3.95
CA LEU A 141 -10.14 5.05 5.00
C LEU A 141 -11.41 5.89 4.93
N SER A 142 -11.26 7.20 4.76
CA SER A 142 -12.44 8.07 4.67
C SER A 142 -13.31 7.72 3.47
N ALA A 143 -12.69 7.53 2.31
CA ALA A 143 -13.45 7.09 1.15
C ALA A 143 -14.14 5.78 1.42
N PHE A 144 -13.45 4.84 2.07
CA PHE A 144 -14.07 3.54 2.31
C PHE A 144 -15.14 3.62 3.39
N LEU A 145 -14.95 4.51 4.37
CA LEU A 145 -15.96 4.69 5.40
C LEU A 145 -17.30 5.17 4.81
N HIS A 146 -17.27 6.13 3.88
CA HIS A 146 -18.49 6.82 3.44
C HIS A 146 -19.07 6.31 2.12
N PHE A 147 -18.52 5.25 1.58
CA PHE A 147 -18.96 4.66 0.33
C PHE A 147 -20.37 4.05 0.42
N PRO A 148 -20.75 3.37 1.51
CA PRO A 148 -22.14 2.87 1.59
C PRO A 148 -23.18 3.98 1.55
N ASP A 149 -22.94 5.07 2.27
CA ASP A 149 -23.80 6.25 2.19
C ASP A 149 -24.03 6.67 0.73
N LEU A 150 -22.93 6.88 -0.02
CA LEU A 150 -23.04 7.33 -1.39
C LEU A 150 -23.73 6.30 -2.25
N HIS A 151 -23.54 5.02 -1.94
CA HIS A 151 -24.18 3.96 -2.70
C HIS A 151 -25.71 4.08 -2.69
N SER A 152 -26.28 4.43 -1.53
CA SER A 152 -27.74 4.55 -1.42
C SER A 152 -28.26 5.78 -2.15
N ARG A 153 -27.39 6.78 -2.36
CA ARG A 153 -27.79 8.05 -2.96
C ARG A 153 -27.64 8.08 -4.47
N THR A 154 -27.31 6.98 -5.13
CA THR A 154 -27.29 6.99 -6.57
C THR A 154 -27.66 5.61 -7.08
N ALA A 155 -28.05 5.55 -8.34
CA ALA A 155 -28.27 4.27 -9.00
C ALA A 155 -27.14 3.89 -9.94
N ALA A 156 -26.27 4.82 -10.30
CA ALA A 156 -25.25 4.59 -11.31
C ALA A 156 -24.04 3.85 -10.75
N SER A 157 -23.43 3.03 -11.60
CA SER A 157 -22.12 2.46 -11.32
C SER A 157 -21.04 3.52 -11.36
N PHE A 158 -19.98 3.29 -10.58
CA PHE A 158 -18.80 4.18 -10.68
C PHE A 158 -18.23 4.17 -12.10
N ARG A 159 -18.31 3.04 -12.80
CA ARG A 159 -17.87 3.00 -14.20
C ARG A 159 -18.77 3.89 -15.07
N GLU A 160 -20.09 3.81 -14.89
CA GLU A 160 -21.00 4.67 -15.64
C GLU A 160 -20.77 6.15 -15.33
N MET A 161 -20.38 6.47 -14.10
CA MET A 161 -20.20 7.87 -13.70
C MET A 161 -18.94 8.49 -14.32
N GLY A 162 -17.97 7.67 -14.76
CA GLY A 162 -16.77 8.19 -15.39
C GLY A 162 -16.03 9.23 -14.56
N SER A 163 -15.88 10.43 -15.12
CA SER A 163 -15.13 11.51 -14.46
C SER A 163 -15.96 12.31 -13.46
N SER A 164 -17.25 11.97 -13.25
CA SER A 164 -18.07 12.69 -12.28
C SER A 164 -17.46 12.57 -10.88
N PRO A 165 -17.22 13.68 -10.18
CA PRO A 165 -16.46 13.62 -8.93
C PRO A 165 -17.28 13.08 -7.77
N LEU A 166 -16.59 12.40 -6.86
CA LEU A 166 -17.17 11.90 -5.63
C LEU A 166 -16.58 12.71 -4.49
N HIS A 167 -17.43 13.18 -3.59
CA HIS A 167 -16.98 14.05 -2.51
C HIS A 167 -17.09 13.31 -1.19
N PHE A 168 -15.96 13.05 -0.57
CA PHE A 168 -15.85 12.38 0.71
C PHE A 168 -15.17 13.32 1.71
N PRO A 169 -15.37 13.10 3.01
CA PRO A 169 -14.84 14.05 4.00
C PRO A 169 -13.32 14.11 4.03
N GLY A 170 -12.79 15.33 4.01
CA GLY A 170 -11.39 15.59 4.27
C GLY A 170 -10.43 15.28 3.13
N ILE A 171 -10.91 14.88 1.96
CA ILE A 171 -10.03 14.49 0.88
C ILE A 171 -10.49 15.17 -0.41
N PRO A 172 -9.59 15.33 -1.38
CA PRO A 172 -9.95 16.02 -2.64
C PRO A 172 -11.13 15.34 -3.29
N PRO A 173 -11.81 16.02 -4.23
CA PRO A 173 -12.75 15.31 -5.09
C PRO A 173 -12.06 14.12 -5.74
N LEU A 174 -12.84 13.08 -5.99
CA LEU A 174 -12.31 11.84 -6.51
C LEU A 174 -13.12 11.44 -7.73
N PRO A 175 -12.54 11.43 -8.93
CA PRO A 175 -13.27 10.93 -10.11
C PRO A 175 -13.74 9.51 -9.86
N ALA A 176 -15.01 9.26 -10.19
CA ALA A 176 -15.62 8.00 -9.79
C ALA A 176 -14.96 6.82 -10.47
N ASP A 177 -14.38 7.02 -11.66
CA ASP A 177 -13.66 5.92 -12.27
C ASP A 177 -12.28 5.74 -11.65
N HIS A 178 -11.91 6.59 -10.69
CA HIS A 178 -10.69 6.36 -9.92
C HIS A 178 -10.95 5.53 -8.68
N MET A 179 -12.17 5.02 -8.50
CA MET A 179 -12.47 4.08 -7.43
C MET A 179 -11.88 2.72 -7.75
N PRO A 180 -11.62 1.90 -6.73
CA PRO A 180 -10.93 0.62 -6.98
C PRO A 180 -11.68 -0.27 -7.95
N VAL A 181 -10.93 -0.88 -8.84
CA VAL A 181 -11.41 -1.68 -9.96
C VAL A 181 -12.44 -2.70 -9.52
N PRO A 182 -12.29 -3.43 -8.40
CA PRO A 182 -13.37 -4.33 -7.96
C PRO A 182 -14.67 -3.61 -7.59
N MET A 183 -14.67 -2.30 -7.41
CA MET A 183 -15.86 -1.56 -7.03
C MET A 183 -16.50 -0.85 -8.22
N LEU A 184 -16.01 -1.09 -9.44
CA LEU A 184 -16.44 -0.24 -10.55
C LEU A 184 -17.79 -0.65 -11.11
N ASP A 185 -18.17 -1.92 -10.98
CA ASP A 185 -19.41 -2.40 -11.56
C ASP A 185 -20.34 -2.87 -10.45
N ARG A 186 -21.38 -2.08 -10.19
CA ARG A 186 -22.25 -2.31 -9.03
C ARG A 186 -23.00 -3.62 -9.12
N ASP A 187 -23.07 -4.24 -10.29
CA ASP A 187 -23.83 -5.47 -10.48
C ASP A 187 -22.93 -6.71 -10.40
N ASP A 188 -22.17 -6.82 -9.32
CA ASP A 188 -21.29 -7.95 -9.16
C ASP A 188 -21.25 -8.31 -7.68
N PRO A 189 -21.22 -9.60 -7.35
CA PRO A 189 -21.11 -9.98 -5.93
C PRO A 189 -19.94 -9.33 -5.20
N VAL A 190 -18.78 -9.14 -5.87
CA VAL A 190 -17.64 -8.55 -5.18
C VAL A 190 -17.94 -7.11 -4.78
N TYR A 191 -18.73 -6.40 -5.59
CA TYR A 191 -19.17 -5.07 -5.17
C TYR A 191 -19.95 -5.15 -3.87
N GLU A 192 -20.86 -6.12 -3.77
CA GLU A 192 -21.66 -6.28 -2.57
C GLU A 192 -20.80 -6.58 -1.35
N SER A 193 -19.76 -7.41 -1.51
CA SER A 193 -18.89 -7.69 -0.37
C SER A 193 -18.19 -6.43 0.10
N PHE A 194 -17.71 -5.60 -0.83
CA PHE A 194 -17.05 -4.36 -0.43
C PHE A 194 -18.00 -3.43 0.31
N LEU A 195 -19.24 -3.29 -0.19
CA LEU A 195 -20.27 -2.60 0.58
C LEU A 195 -20.38 -3.21 1.99
N TYR A 196 -20.44 -4.54 2.06
CA TYR A 196 -20.56 -5.23 3.33
C TYR A 196 -19.39 -4.93 4.26
N PHE A 197 -18.14 -5.03 3.76
CA PHE A 197 -16.99 -4.76 4.61
C PHE A 197 -16.92 -3.31 5.05
N SER A 198 -17.32 -2.38 4.16
CA SER A 198 -17.26 -0.97 4.55
C SER A 198 -18.27 -0.64 5.65
N LYS A 199 -19.48 -1.20 5.58
CA LYS A 199 -20.46 -1.03 6.66
C LYS A 199 -19.90 -1.50 8.00
N ARG A 200 -19.35 -2.72 8.03
CA ARG A 200 -18.85 -3.30 9.29
C ARG A 200 -17.67 -2.52 9.84
N LEU A 201 -17.07 -1.63 9.05
CA LEU A 201 -16.02 -0.77 9.57
C LEU A 201 -16.48 0.02 10.78
N LYS A 202 -17.77 0.29 10.88
CA LYS A 202 -18.25 1.18 11.92
C LYS A 202 -18.40 0.50 13.28
N GLU A 203 -18.28 -0.83 13.32
CA GLU A 203 -18.41 -1.59 14.56
C GLU A 203 -17.08 -1.79 15.28
N ALA A 204 -16.04 -1.04 14.91
CA ALA A 204 -14.72 -1.27 15.46
C ALA A 204 -14.51 -0.51 16.75
N GLU A 205 -13.63 -1.04 17.60
CA GLU A 205 -13.18 -0.28 18.76
C GLU A 205 -12.31 0.87 18.33
N GLY A 206 -11.63 0.75 17.21
CA GLY A 206 -10.58 1.67 16.86
C GLY A 206 -9.93 1.25 15.56
N TYR A 207 -9.24 2.20 14.95
CA TYR A 207 -8.61 2.01 13.65
C TYR A 207 -7.12 2.24 13.80
N ILE A 208 -6.33 1.21 13.59
CA ILE A 208 -4.89 1.36 13.50
C ILE A 208 -4.52 1.54 12.03
N ILE A 209 -3.76 2.60 11.71
CA ILE A 209 -3.56 3.02 10.33
C ILE A 209 -2.07 3.13 10.07
N ASN A 210 -1.62 2.55 8.95
CA ASN A 210 -0.23 2.66 8.56
C ASN A 210 -0.02 3.98 7.79
N THR A 211 -0.23 5.08 8.53
CA THR A 211 0.07 6.42 8.04
C THR A 211 0.63 7.21 9.22
N PHE A 212 1.20 8.39 8.95
CA PHE A 212 1.52 9.31 10.03
C PHE A 212 0.71 10.61 9.87
N GLU A 213 0.33 11.17 11.02
CA GLU A 213 -0.63 12.29 11.04
C GLU A 213 -0.13 13.50 10.27
N ASP A 214 1.17 13.79 10.35
CA ASP A 214 1.72 14.90 9.59
C ASP A 214 1.69 14.67 8.09
N LEU A 215 1.29 13.49 7.61
CA LEU A 215 1.22 13.29 6.18
C LEU A 215 -0.16 13.61 5.65
N GLU A 216 -1.21 13.21 6.37
CA GLU A 216 -2.60 13.43 5.95
C GLU A 216 -3.43 14.13 7.03
N PRO A 217 -3.01 15.34 7.44
CA PRO A 217 -3.75 16.05 8.51
C PRO A 217 -5.24 16.20 8.25
N ARG A 218 -5.64 16.68 7.07
CA ARG A 218 -7.05 16.88 6.83
C ARG A 218 -7.82 15.59 6.92
N ALA A 219 -7.24 14.51 6.39
CA ALA A 219 -7.90 13.21 6.43
C ALA A 219 -8.01 12.72 7.87
N VAL A 220 -6.94 12.86 8.66
CA VAL A 220 -6.99 12.40 10.05
C VAL A 220 -8.05 13.19 10.82
N ALA A 221 -8.14 14.50 10.57
CA ALA A 221 -9.18 15.31 11.20
C ALA A 221 -10.57 14.85 10.77
N ALA A 222 -10.74 14.58 9.48
CA ALA A 222 -12.09 14.33 8.98
C ALA A 222 -12.67 13.02 9.52
N ILE A 223 -11.83 12.06 9.94
CA ILE A 223 -12.32 10.80 10.48
C ILE A 223 -12.37 10.81 12.01
N SER A 224 -11.68 11.75 12.67
CA SER A 224 -11.69 11.89 14.13
C SER A 224 -12.96 12.57 14.65
N ASP A 225 -13.95 12.82 13.79
CA ASP A 225 -15.29 13.15 14.23
C ASP A 225 -15.75 12.08 15.23
N ALA A 226 -16.11 12.53 16.44
CA ALA A 226 -16.31 11.61 17.56
C ALA A 226 -17.60 10.80 17.43
N ALA A 227 -18.20 10.76 16.23
CA ALA A 227 -19.24 9.81 15.90
C ALA A 227 -18.69 8.59 15.17
N LEU A 228 -17.39 8.35 15.28
CA LEU A 228 -16.69 7.22 14.68
C LEU A 228 -15.61 6.77 15.66
N PRO A 229 -15.27 5.48 15.66
CA PRO A 229 -14.23 4.98 16.58
C PRO A 229 -12.96 5.78 16.46
N PRO A 230 -12.13 5.82 17.50
CA PRO A 230 -10.86 6.55 17.41
C PRO A 230 -9.93 5.95 16.36
N ASN A 231 -8.72 6.50 16.25
CA ASN A 231 -7.78 6.02 15.25
C ASN A 231 -6.40 6.37 15.74
N TYR A 232 -5.41 5.57 15.33
CA TYR A 232 -4.05 5.68 15.85
C TYR A 232 -3.08 5.56 14.69
N CYS A 233 -2.25 6.60 14.48
CA CYS A 233 -1.38 6.70 13.33
C CYS A 233 0.05 6.35 13.73
N ILE A 234 0.49 5.16 13.31
CA ILE A 234 1.71 4.56 13.83
C ILE A 234 2.77 4.42 12.77
N GLY A 235 2.50 4.82 11.55
CA GLY A 235 3.43 4.58 10.48
C GLY A 235 4.42 5.70 10.36
N PRO A 236 5.35 5.60 9.41
CA PRO A 236 5.39 4.52 8.42
C PRO A 236 5.89 3.16 8.92
N LEU A 237 5.08 2.12 8.76
CA LEU A 237 5.52 0.74 8.99
C LEU A 237 6.08 0.18 7.68
N ILE A 238 7.40 0.05 7.62
CA ILE A 238 8.12 -0.38 6.43
C ILE A 238 8.64 -1.80 6.61
N GLN A 239 8.48 -2.62 5.57
CA GLN A 239 8.96 -4.01 5.64
C GLN A 239 10.48 -4.05 5.73
N GLY A 251 19.46 -8.68 -6.84
CA GLY A 251 19.69 -7.94 -5.60
C GLY A 251 21.07 -7.29 -5.55
N SER A 252 22.10 -8.11 -5.32
CA SER A 252 23.45 -7.58 -5.20
C SER A 252 23.87 -6.86 -6.48
N GLU A 253 23.41 -7.35 -7.63
CA GLU A 253 23.85 -6.84 -8.93
C GLU A 253 23.50 -5.36 -9.09
N CYS A 254 22.23 -5.01 -8.98
CA CYS A 254 21.85 -3.62 -9.23
C CYS A 254 22.26 -2.69 -8.09
N LEU A 255 22.43 -3.22 -6.88
CA LEU A 255 22.99 -2.40 -5.80
C LEU A 255 24.44 -2.05 -6.11
N ALA A 256 25.19 -3.01 -6.67
CA ALA A 256 26.52 -2.71 -7.19
C ALA A 256 26.46 -1.62 -8.25
N TRP A 257 25.63 -1.83 -9.28
CA TRP A 257 25.51 -0.86 -10.36
C TRP A 257 25.22 0.53 -9.82
N LEU A 258 24.31 0.64 -8.84
CA LEU A 258 23.99 1.94 -8.26
C LEU A 258 25.21 2.58 -7.60
N ASP A 259 26.05 1.76 -6.94
CA ASP A 259 27.26 2.30 -6.32
C ASP A 259 28.12 3.06 -7.32
N ALA A 260 28.21 2.54 -8.55
CA ALA A 260 29.04 3.11 -9.62
C ALA A 260 28.47 4.40 -10.25
N GLN A 261 27.38 4.97 -9.73
CA GLN A 261 26.73 6.16 -10.30
C GLN A 261 26.77 7.32 -9.31
N PRO A 262 26.74 8.55 -9.81
CA PRO A 262 26.81 9.72 -8.92
C PRO A 262 25.54 9.92 -8.10
N LYS A 263 25.65 10.80 -7.12
CA LYS A 263 24.60 11.02 -6.14
C LYS A 263 23.35 11.63 -6.78
N ARG A 264 22.18 11.06 -6.44
CA ARG A 264 20.88 11.57 -6.90
C ARG A 264 20.79 11.67 -8.42
N SER A 265 21.39 10.73 -9.13
CA SER A 265 21.45 10.78 -10.59
C SER A 265 20.62 9.71 -11.29
N VAL A 266 20.03 8.77 -10.57
CA VAL A 266 19.32 7.64 -11.18
C VAL A 266 17.83 7.82 -10.96
N VAL A 267 17.07 7.56 -12.02
CA VAL A 267 15.62 7.45 -11.95
C VAL A 267 15.29 5.98 -11.77
N PHE A 268 14.59 5.65 -10.69
CA PHE A 268 14.16 4.30 -10.39
C PHE A 268 12.72 4.11 -10.86
N LEU A 269 12.46 3.08 -11.66
CA LEU A 269 11.14 2.78 -12.18
C LEU A 269 10.75 1.37 -11.74
N CYS A 270 9.71 1.25 -10.92
CA CYS A 270 9.32 -0.05 -10.40
C CYS A 270 7.82 -0.04 -10.06
N PHE A 271 7.11 -1.10 -10.44
CA PHE A 271 5.65 -1.02 -10.51
C PHE A 271 4.98 -2.15 -9.73
N GLY A 272 5.38 -2.31 -8.46
CA GLY A 272 4.70 -3.20 -7.57
C GLY A 272 4.84 -4.69 -7.86
N SER A 273 3.90 -5.44 -7.30
CA SER A 273 4.04 -6.88 -7.16
C SER A 273 3.59 -7.65 -8.38
N ILE A 274 2.65 -7.11 -9.16
CA ILE A 274 2.09 -7.89 -10.24
C ILE A 274 2.05 -7.03 -11.48
N GLY A 275 2.35 -5.74 -11.32
CA GLY A 275 2.24 -4.76 -12.38
C GLY A 275 2.69 -5.32 -13.70
N LEU A 276 1.95 -5.04 -14.78
CA LEU A 276 2.22 -5.59 -16.09
C LEU A 276 1.87 -4.58 -17.18
N PHE A 277 2.83 -4.34 -18.07
CA PHE A 277 2.68 -3.47 -19.23
C PHE A 277 2.75 -4.30 -20.49
N SER A 278 2.10 -3.84 -21.56
CA SER A 278 2.27 -4.52 -22.84
C SER A 278 3.63 -4.16 -23.45
N SER A 279 4.09 -5.02 -24.37
CA SER A 279 5.34 -4.74 -25.08
C SER A 279 5.30 -3.40 -25.80
N GLU A 280 4.17 -3.07 -26.43
CA GLU A 280 4.01 -1.75 -27.03
C GLU A 280 4.25 -0.63 -26.01
N GLN A 281 3.69 -0.77 -24.79
CA GLN A 281 3.87 0.27 -23.77
C GLN A 281 5.31 0.26 -23.25
N LEU A 282 5.91 -0.93 -23.15
CA LEU A 282 7.31 -1.01 -22.74
C LEU A 282 8.21 -0.33 -23.77
N LYS A 283 7.87 -0.42 -25.05
CA LYS A 283 8.65 0.28 -26.07
C LYS A 283 8.54 1.79 -25.93
N GLU A 284 7.37 2.32 -25.55
CA GLU A 284 7.28 3.77 -25.35
C GLU A 284 8.11 4.23 -24.16
N MET A 285 8.11 3.46 -23.07
CA MET A 285 8.91 3.87 -21.92
C MET A 285 10.40 3.82 -22.27
N ALA A 286 10.84 2.79 -22.99
CA ALA A 286 12.23 2.70 -23.44
C ALA A 286 12.65 3.92 -24.25
N VAL A 287 11.89 4.23 -25.32
CA VAL A 287 12.18 5.41 -26.13
C VAL A 287 12.23 6.66 -25.26
N GLY A 288 11.21 6.84 -24.39
CA GLY A 288 11.19 8.02 -23.54
C GLY A 288 12.37 8.08 -22.59
N LEU A 289 12.71 6.93 -21.97
CA LEU A 289 13.88 6.88 -21.08
C LEU A 289 15.18 7.19 -21.85
N GLU A 290 15.35 6.58 -23.01
CA GLU A 290 16.54 6.86 -23.83
C GLU A 290 16.63 8.35 -24.16
N ARG A 291 15.54 8.94 -24.68
CA ARG A 291 15.60 10.34 -25.11
C ARG A 291 15.67 11.30 -23.92
N SER A 292 15.31 10.88 -22.72
CA SER A 292 15.51 11.76 -21.57
C SER A 292 16.99 11.96 -21.27
N GLY A 293 17.83 11.09 -21.80
CA GLY A 293 19.25 11.11 -21.48
C GLY A 293 19.60 10.88 -20.02
N GLN A 294 18.64 10.50 -19.17
CA GLN A 294 19.00 10.37 -17.77
C GLN A 294 19.46 8.95 -17.45
N ARG A 295 20.14 8.81 -16.31
CA ARG A 295 20.49 7.48 -15.82
C ARG A 295 19.25 6.81 -15.22
N PHE A 296 19.08 5.52 -15.48
CA PHE A 296 17.87 4.84 -15.00
C PHE A 296 18.14 3.43 -14.50
N LEU A 297 17.34 3.00 -13.51
CA LEU A 297 17.22 1.61 -13.07
C LEU A 297 15.76 1.17 -13.19
N TRP A 298 15.49 0.20 -14.06
CA TRP A 298 14.13 -0.07 -14.53
C TRP A 298 13.79 -1.54 -14.34
N VAL A 299 12.78 -1.83 -13.52
CA VAL A 299 12.34 -3.21 -13.28
C VAL A 299 11.23 -3.60 -14.25
N VAL A 300 11.46 -4.61 -15.06
CA VAL A 300 10.55 -5.00 -16.13
C VAL A 300 10.03 -6.42 -15.88
N ARG A 301 8.72 -6.61 -15.92
CA ARG A 301 8.13 -7.95 -15.84
C ARG A 301 7.59 -8.36 -17.21
N SER A 302 7.32 -9.66 -17.33
CA SER A 302 6.72 -10.20 -18.56
C SER A 302 5.37 -9.55 -18.82
N PRO A 303 5.07 -9.13 -20.04
CA PRO A 303 3.76 -8.55 -20.33
C PRO A 303 2.67 -9.59 -20.15
N PRO A 304 1.42 -9.16 -19.96
CA PRO A 304 0.33 -10.11 -19.75
C PRO A 304 -0.02 -10.87 -21.02
N SER A 305 -0.03 -12.19 -20.93
CA SER A 305 -0.47 -13.04 -22.04
C SER A 305 -1.40 -14.14 -21.57
N PRO A 318 10.79 -12.65 -18.17
CA PRO A 318 10.82 -11.59 -19.20
C PRO A 318 11.95 -11.75 -20.22
N ASP A 319 11.59 -11.74 -21.51
CA ASP A 319 12.53 -11.91 -22.63
C ASP A 319 12.94 -10.53 -23.16
N LEU A 320 13.95 -9.93 -22.54
CA LEU A 320 14.21 -8.51 -22.72
C LEU A 320 14.51 -8.18 -24.18
N GLU A 321 15.28 -9.02 -24.87
CA GLU A 321 15.63 -8.70 -26.25
C GLU A 321 14.41 -8.80 -27.17
N ARG A 322 13.48 -9.71 -26.89
CA ARG A 322 12.29 -9.81 -27.72
C ARG A 322 11.29 -8.69 -27.45
N ILE A 323 11.29 -8.15 -26.24
CA ILE A 323 10.23 -7.27 -25.76
C ILE A 323 10.58 -5.80 -25.99
N LEU A 324 11.82 -5.44 -25.79
CA LEU A 324 12.35 -4.09 -25.86
C LEU A 324 12.70 -3.71 -27.30
N PRO A 325 12.84 -2.42 -27.58
CA PRO A 325 13.23 -2.03 -28.94
C PRO A 325 14.62 -2.53 -29.28
N GLU A 326 14.80 -2.83 -30.56
CA GLU A 326 16.06 -3.39 -31.01
C GLU A 326 17.21 -2.44 -30.73
N GLY A 327 18.31 -3.00 -30.23
CA GLY A 327 19.49 -2.22 -29.91
C GLY A 327 19.39 -1.39 -28.66
N PHE A 328 18.27 -1.46 -27.93
CA PHE A 328 18.07 -0.56 -26.79
C PHE A 328 19.02 -0.90 -25.64
N LEU A 329 19.20 -2.18 -25.37
CA LEU A 329 20.14 -2.60 -24.32
C LEU A 329 21.58 -2.21 -24.68
N GLU A 330 22.01 -2.56 -25.89
CA GLU A 330 23.32 -2.12 -26.40
C GLU A 330 23.49 -0.61 -26.27
N ARG A 331 22.52 0.17 -26.77
CA ARG A 331 22.71 1.61 -26.77
C ARG A 331 22.75 2.22 -25.38
N THR A 332 22.02 1.64 -24.40
CA THR A 332 21.93 2.21 -23.07
C THR A 332 22.78 1.49 -22.02
N GLU A 333 23.39 0.36 -22.37
CA GLU A 333 24.43 -0.20 -21.53
C GLU A 333 25.35 0.92 -21.10
N GLY A 334 25.48 1.12 -19.80
CA GLY A 334 26.23 2.29 -19.39
C GLY A 334 25.41 3.33 -18.66
N ARG A 335 24.39 3.89 -19.33
CA ARG A 335 23.54 4.88 -18.66
C ARG A 335 22.45 4.21 -17.83
N GLY A 336 21.89 3.09 -18.29
CA GLY A 336 20.79 2.46 -17.61
C GLY A 336 20.98 0.96 -17.39
N LEU A 337 20.27 0.47 -16.38
CA LEU A 337 20.22 -0.95 -16.06
C LEU A 337 18.76 -1.41 -16.00
N VAL A 338 18.43 -2.44 -16.77
CA VAL A 338 17.13 -3.09 -16.76
C VAL A 338 17.25 -4.37 -15.94
N VAL A 339 16.44 -4.53 -14.90
CA VAL A 339 16.45 -5.75 -14.09
C VAL A 339 15.14 -6.50 -14.30
N LYS A 340 15.23 -7.83 -14.34
CA LYS A 340 14.08 -8.68 -14.64
C LYS A 340 13.26 -8.95 -13.38
N SER A 341 11.98 -8.58 -13.42
CA SER A 341 10.95 -9.02 -12.47
C SER A 341 11.00 -8.34 -11.10
N TRP A 342 12.15 -8.33 -10.44
CA TRP A 342 12.16 -7.98 -9.02
C TRP A 342 13.45 -7.25 -8.67
N ALA A 343 13.35 -6.23 -7.84
CA ALA A 343 14.51 -5.52 -7.33
C ALA A 343 14.39 -5.35 -5.83
N PRO A 344 15.51 -5.21 -5.11
CA PRO A 344 15.43 -4.93 -3.67
C PRO A 344 15.06 -3.49 -3.41
N GLN A 345 13.76 -3.19 -3.58
CA GLN A 345 13.31 -1.82 -3.70
C GLN A 345 13.58 -1.00 -2.43
N ALA A 346 13.43 -1.62 -1.25
CA ALA A 346 13.68 -0.87 -0.01
C ALA A 346 15.13 -0.37 0.06
N ALA A 347 16.07 -1.23 -0.30
CA ALA A 347 17.48 -0.84 -0.37
C ALA A 347 17.69 0.16 -1.51
N VAL A 348 17.12 -0.13 -2.68
CA VAL A 348 17.28 0.77 -3.82
C VAL A 348 16.86 2.19 -3.46
N LEU A 349 15.73 2.32 -2.76
CA LEU A 349 15.21 3.65 -2.43
C LEU A 349 16.05 4.35 -1.38
N GLU A 350 16.74 3.58 -0.52
CA GLU A 350 17.66 4.13 0.47
C GLU A 350 18.99 4.53 -0.14
N HIS A 351 19.33 3.99 -1.30
CA HIS A 351 20.63 4.24 -1.90
C HIS A 351 20.79 5.72 -2.27
N GLY A 352 22.01 6.23 -2.06
CA GLY A 352 22.29 7.65 -2.26
C GLY A 352 22.32 8.09 -3.71
N SER A 353 22.52 7.17 -4.64
CA SER A 353 22.59 7.50 -6.05
C SER A 353 21.21 7.67 -6.72
N VAL A 354 20.12 7.36 -6.02
CA VAL A 354 18.79 7.43 -6.60
C VAL A 354 18.25 8.85 -6.44
N GLY A 355 17.81 9.45 -7.55
CA GLY A 355 17.31 10.81 -7.51
C GLY A 355 15.82 10.93 -7.77
N GLY A 356 15.17 9.84 -8.21
CA GLY A 356 13.76 9.87 -8.54
C GLY A 356 13.08 8.52 -8.73
N PHE A 357 11.78 8.48 -8.44
CA PHE A 357 10.99 7.24 -8.41
C PHE A 357 9.75 7.39 -9.30
N VAL A 358 9.71 6.66 -10.40
CA VAL A 358 8.45 6.44 -11.11
C VAL A 358 7.76 5.22 -10.52
N THR A 359 6.58 5.43 -9.89
CA THR A 359 5.96 4.47 -9.00
C THR A 359 4.51 4.22 -9.41
N HIS A 360 4.03 3.03 -9.10
CA HIS A 360 2.61 2.71 -9.35
C HIS A 360 1.71 3.19 -8.22
N CYS A 361 2.25 3.91 -7.22
CA CYS A 361 1.48 4.45 -6.11
C CYS A 361 0.90 3.39 -5.19
N GLY A 362 1.41 2.16 -5.19
CA GLY A 362 1.07 1.27 -4.08
C GLY A 362 1.49 1.92 -2.76
N TRP A 363 0.80 1.62 -1.68
CA TRP A 363 1.03 2.42 -0.48
C TRP A 363 2.33 2.06 0.24
N ASN A 364 2.78 0.79 0.18
CA ASN A 364 4.09 0.45 0.73
C ASN A 364 5.21 1.13 -0.05
N SER A 365 5.11 1.18 -1.40
CA SER A 365 6.14 1.86 -2.17
C SER A 365 6.14 3.35 -1.91
N THR A 366 4.96 3.92 -1.64
CA THR A 366 4.86 5.35 -1.36
C THR A 366 5.48 5.70 -0.02
N LEU A 367 5.20 4.90 1.02
CA LEU A 367 5.80 5.18 2.31
C LEU A 367 7.32 5.01 2.26
N GLU A 368 7.82 4.01 1.52
CA GLU A 368 9.26 3.80 1.43
C GLU A 368 9.94 4.94 0.69
N ALA A 369 9.28 5.55 -0.31
CA ALA A 369 9.89 6.71 -0.96
C ALA A 369 9.96 7.89 0.00
N ILE A 370 8.91 8.12 0.76
CA ILE A 370 8.84 9.27 1.65
C ILE A 370 9.92 9.20 2.72
N ALA A 371 10.02 8.03 3.39
CA ALA A 371 10.98 7.87 4.48
C ALA A 371 12.41 8.09 4.02
N SER A 372 12.69 7.85 2.74
CA SER A 372 14.00 8.08 2.16
C SER A 372 14.09 9.40 1.40
N GLY A 373 12.99 10.13 1.29
CA GLY A 373 12.95 11.43 0.61
C GLY A 373 13.16 11.41 -0.89
N VAL A 374 12.58 10.45 -1.60
CA VAL A 374 12.76 10.30 -3.03
C VAL A 374 11.52 10.91 -3.73
N PRO A 375 11.69 11.89 -4.59
CA PRO A 375 10.51 12.50 -5.25
C PRO A 375 9.93 11.57 -6.30
N MET A 376 8.59 11.64 -6.49
CA MET A 376 7.85 10.64 -7.24
C MET A 376 7.15 11.20 -8.47
N VAL A 377 7.06 10.38 -9.51
CA VAL A 377 6.11 10.56 -10.60
C VAL A 377 5.09 9.42 -10.51
N ALA A 378 3.79 9.78 -10.47
CA ALA A 378 2.70 8.85 -10.14
C ALA A 378 2.13 8.19 -11.39
N TRP A 379 2.24 6.87 -11.47
CA TRP A 379 1.71 6.08 -12.59
C TRP A 379 0.87 4.92 -12.05
N PRO A 380 -0.33 5.20 -11.53
CA PRO A 380 -1.08 4.15 -10.83
C PRO A 380 -1.66 3.14 -11.82
N MET A 381 -1.94 1.94 -11.32
CA MET A 381 -2.21 0.80 -12.20
C MET A 381 -3.40 -0.06 -11.75
N TYR A 382 -3.44 -0.55 -10.51
CA TYR A 382 -4.52 -1.46 -10.05
C TYR A 382 -4.85 -1.19 -8.57
N ALA A 383 -5.67 -2.08 -8.00
CA ALA A 383 -6.21 -1.99 -6.63
C ALA A 383 -6.69 -0.58 -6.31
N GLU A 384 -6.16 0.05 -5.26
CA GLU A 384 -6.54 1.41 -4.88
C GLU A 384 -5.50 2.45 -5.32
N GLN A 385 -4.66 2.13 -6.31
CA GLN A 385 -3.56 3.05 -6.65
C GLN A 385 -4.07 4.34 -7.30
N TRP A 386 -5.12 4.27 -8.13
CA TRP A 386 -5.59 5.50 -8.77
C TRP A 386 -6.05 6.53 -7.73
N MET A 387 -6.75 6.07 -6.68
CA MET A 387 -7.13 6.95 -5.58
C MET A 387 -5.90 7.52 -4.88
N ASN A 388 -4.92 6.63 -4.55
CA ASN A 388 -3.67 7.06 -3.92
C ASN A 388 -3.00 8.14 -4.74
N LYS A 389 -3.05 7.99 -6.07
CA LYS A 389 -2.45 9.01 -6.93
C LYS A 389 -3.08 10.38 -6.69
N VAL A 390 -4.42 10.43 -6.63
CA VAL A 390 -5.11 11.71 -6.43
C VAL A 390 -4.65 12.35 -5.12
N PHE A 391 -4.63 11.57 -4.05
CA PHE A 391 -4.21 12.09 -2.75
C PHE A 391 -2.76 12.52 -2.79
N LEU A 392 -1.91 11.73 -3.45
CA LEU A 392 -0.50 12.08 -3.57
C LEU A 392 -0.30 13.37 -4.34
N VAL A 393 -1.05 13.55 -5.42
CA VAL A 393 -0.77 14.68 -6.32
C VAL A 393 -1.43 15.94 -5.78
N GLU A 394 -2.69 15.85 -5.35
CA GLU A 394 -3.44 17.05 -5.04
C GLU A 394 -3.52 17.37 -3.56
N GLU A 395 -3.50 16.37 -2.68
CA GLU A 395 -3.53 16.65 -1.25
C GLU A 395 -2.11 16.79 -0.67
N MET A 396 -1.32 15.72 -0.74
CA MET A 396 0.02 15.76 -0.16
C MET A 396 1.00 16.53 -1.03
N LYS A 397 0.75 16.63 -2.34
CA LYS A 397 1.63 17.30 -3.30
C LYS A 397 3.04 16.69 -3.25
N LEU A 398 3.10 15.36 -3.22
CA LEU A 398 4.40 14.71 -3.22
C LEU A 398 4.73 14.03 -4.54
N ALA A 399 3.90 14.19 -5.56
CA ALA A 399 4.18 13.57 -6.85
C ALA A 399 3.55 14.41 -7.94
N VAL A 400 3.98 14.20 -9.18
CA VAL A 400 3.27 14.74 -10.34
C VAL A 400 2.79 13.58 -11.19
N PRO A 401 1.64 13.68 -11.88
CA PRO A 401 1.11 12.51 -12.58
C PRO A 401 1.94 12.17 -13.79
N MET A 402 1.81 10.94 -14.24
CA MET A 402 2.30 10.58 -15.56
C MET A 402 1.06 10.58 -16.44
N GLU A 403 0.88 11.64 -17.24
CA GLU A 403 -0.33 11.75 -18.05
C GLU A 403 -0.45 10.58 -19.01
N GLY A 404 -1.70 10.10 -19.18
CA GLY A 404 -2.01 8.92 -19.94
C GLY A 404 -2.21 7.66 -19.13
N TYR A 405 -2.01 7.70 -17.81
CA TYR A 405 -2.25 6.50 -17.01
C TYR A 405 -3.70 6.04 -17.11
N ASP A 406 -4.63 6.98 -17.37
CA ASP A 406 -6.03 6.61 -17.54
C ASP A 406 -6.40 6.35 -18.99
N LYS A 407 -5.46 6.49 -19.93
CA LYS A 407 -5.71 6.25 -21.33
C LYS A 407 -5.22 4.86 -21.73
N ASP A 408 -5.19 4.62 -23.04
CA ASP A 408 -4.73 3.33 -23.54
C ASP A 408 -3.24 3.14 -23.31
N MET A 409 -2.45 4.21 -23.34
CA MET A 409 -1.00 4.03 -23.28
C MET A 409 -0.33 5.38 -23.00
N VAL A 410 0.67 5.36 -22.13
CA VAL A 410 1.49 6.55 -21.90
C VAL A 410 2.51 6.67 -23.02
N THR A 411 2.67 7.88 -23.58
CA THR A 411 3.51 8.07 -24.75
C THR A 411 4.99 8.23 -24.40
N ALA A 412 5.84 7.94 -25.39
CA ALA A 412 7.27 8.18 -25.22
C ALA A 412 7.53 9.63 -24.88
N GLU A 413 6.78 10.54 -25.53
CA GLU A 413 6.99 11.97 -25.27
C GLU A 413 6.75 12.30 -23.81
N GLU A 414 5.72 11.70 -23.24
CA GLU A 414 5.37 12.03 -21.86
C GLU A 414 6.37 11.43 -20.89
N VAL A 415 6.80 10.19 -21.14
CA VAL A 415 7.81 9.59 -20.28
C VAL A 415 9.06 10.47 -20.22
N GLU A 416 9.56 10.87 -21.40
CA GLU A 416 10.71 11.76 -21.46
C GLU A 416 10.46 13.07 -20.72
N ARG A 417 9.30 13.70 -20.95
CA ARG A 417 9.02 14.99 -20.33
C ARG A 417 9.07 14.91 -18.80
N LYS A 418 8.41 13.92 -18.22
CA LYS A 418 8.36 13.91 -16.76
C LYS A 418 9.66 13.42 -16.14
N VAL A 419 10.39 12.52 -16.82
CA VAL A 419 11.70 12.11 -16.32
C VAL A 419 12.65 13.31 -16.30
N ARG A 420 12.72 14.06 -17.41
CA ARG A 420 13.47 15.32 -17.44
C ARG A 420 13.03 16.25 -16.33
N TRP A 421 11.71 16.48 -16.23
CA TRP A 421 11.20 17.42 -15.24
C TRP A 421 11.62 17.02 -13.84
N LEU A 422 11.65 15.73 -13.55
CA LEU A 422 11.91 15.27 -12.19
C LEU A 422 13.37 15.50 -11.79
N MET A 423 14.30 15.27 -12.71
CA MET A 423 15.73 15.32 -12.41
C MET A 423 16.40 16.64 -12.76
N GLU A 424 15.69 17.57 -13.40
CA GLU A 424 16.33 18.82 -13.84
C GLU A 424 15.60 20.08 -13.42
N SER A 425 14.27 20.12 -13.60
CA SER A 425 13.52 21.37 -13.56
C SER A 425 13.55 22.01 -12.18
N GLU A 426 13.30 23.33 -12.15
CA GLU A 426 13.10 23.99 -10.87
C GLU A 426 11.87 23.43 -10.16
N GLY A 427 10.85 23.05 -10.92
CA GLY A 427 9.72 22.32 -10.34
C GLY A 427 10.14 21.03 -9.67
N GLY A 428 11.13 20.34 -10.23
CA GLY A 428 11.68 19.17 -9.55
C GLY A 428 12.41 19.53 -8.27
N VAL A 429 13.16 20.63 -8.28
CA VAL A 429 13.79 21.10 -7.05
C VAL A 429 12.75 21.43 -5.99
N GLU A 430 11.71 22.15 -6.38
CA GLU A 430 10.62 22.45 -5.46
C GLU A 430 10.01 21.16 -4.89
N LEU A 431 9.87 20.13 -5.72
CA LEU A 431 9.25 18.90 -5.26
C LEU A 431 10.16 18.17 -4.27
N ARG A 432 11.46 18.07 -4.56
CA ARG A 432 12.38 17.45 -3.60
C ARG A 432 12.30 18.14 -2.25
N ALA A 433 12.15 19.47 -2.27
CA ALA A 433 12.05 20.21 -1.02
C ALA A 433 10.84 19.76 -0.20
N ARG A 434 9.69 19.54 -0.84
CA ARG A 434 8.56 19.03 -0.09
C ARG A 434 8.76 17.57 0.32
N THR A 435 9.45 16.78 -0.51
CA THR A 435 9.78 15.42 -0.11
C THR A 435 10.78 15.40 1.04
N GLU A 436 11.72 16.35 1.03
CA GLU A 436 12.66 16.47 2.15
C GLU A 436 11.91 16.73 3.44
N ARG A 437 10.98 17.70 3.43
CA ARG A 437 10.17 17.95 4.61
C ARG A 437 9.48 16.68 5.07
N ALA A 438 8.90 15.92 4.13
CA ALA A 438 8.16 14.72 4.48
C ALA A 438 9.07 13.67 5.11
N LYS A 439 10.28 13.48 4.56
CA LYS A 439 11.24 12.57 5.16
C LYS A 439 11.48 12.91 6.62
N GLU A 440 11.73 14.19 6.92
CA GLU A 440 12.02 14.57 8.29
C GLU A 440 10.78 14.49 9.18
N ARG A 441 9.59 14.84 8.66
CA ARG A 441 8.38 14.74 9.48
C ARG A 441 7.99 13.29 9.73
N ALA A 442 8.40 12.38 8.86
CA ALA A 442 8.21 10.96 9.10
C ALA A 442 9.22 10.43 10.10
N ALA A 443 10.51 10.69 9.85
CA ALA A 443 11.54 10.27 10.80
C ALA A 443 11.27 10.84 12.18
N ALA A 444 10.76 12.07 12.25
CA ALA A 444 10.44 12.67 13.55
C ALA A 444 9.26 11.95 14.21
N SER A 445 8.25 11.58 13.44
CA SER A 445 7.09 10.90 14.01
C SER A 445 7.46 9.56 14.64
N LEU A 446 8.55 8.95 14.17
CA LEU A 446 8.96 7.63 14.64
C LEU A 446 10.00 7.68 15.75
N ALA A 447 10.74 8.78 15.88
CA ALA A 447 11.66 8.92 16.99
C ALA A 447 10.90 9.04 18.31
N GLU A 448 11.66 8.94 19.41
CA GLU A 448 11.09 9.08 20.75
C GLU A 448 10.31 10.39 20.87
N GLY A 449 9.15 10.32 21.51
CA GLY A 449 8.29 11.48 21.66
C GLY A 449 7.50 11.89 20.43
N GLY A 450 7.89 11.42 19.24
CA GLY A 450 7.19 11.75 18.00
C GLY A 450 5.76 11.24 18.00
N LYS A 451 5.00 11.68 16.98
CA LYS A 451 3.57 11.41 16.96
C LYS A 451 3.23 9.96 16.61
N SER A 452 4.12 9.23 15.95
CA SER A 452 3.80 7.84 15.69
C SER A 452 4.10 6.98 16.91
N LYS A 453 5.28 7.18 17.50
CA LYS A 453 5.65 6.46 18.72
C LYS A 453 4.61 6.65 19.82
N VAL A 454 4.05 7.86 19.93
CA VAL A 454 3.05 8.10 20.98
C VAL A 454 1.72 7.44 20.61
N ALA A 455 1.38 7.39 19.32
CA ALA A 455 0.15 6.72 18.92
C ALA A 455 0.24 5.21 19.13
N LEU A 456 1.38 4.61 18.77
CA LEU A 456 1.65 3.22 19.10
C LEU A 456 1.47 2.97 20.60
N LEU A 457 2.29 3.66 21.41
CA LEU A 457 2.22 3.52 22.86
C LEU A 457 0.80 3.69 23.38
N GLU A 458 0.00 4.56 22.75
CA GLU A 458 -1.33 4.81 23.27
C GLU A 458 -2.23 3.61 23.08
N VAL A 459 -2.13 2.93 21.93
CA VAL A 459 -3.04 1.81 21.69
C VAL A 459 -2.58 0.57 22.44
N VAL A 460 -1.28 0.42 22.64
CA VAL A 460 -0.75 -0.66 23.47
C VAL A 460 -1.36 -0.59 24.87
N GLU A 461 -1.25 0.57 25.51
CA GLU A 461 -1.86 0.77 26.82
C GLU A 461 -3.34 0.44 26.80
N ARG A 462 -4.03 0.79 25.72
CA ARG A 462 -5.47 0.56 25.70
C ARG A 462 -5.80 -0.91 25.54
N MET A 463 -4.91 -1.71 24.93
CA MET A 463 -5.20 -3.14 24.89
C MET A 463 -4.88 -3.79 26.22
N LYS A 464 -3.81 -3.36 26.87
CA LYS A 464 -3.45 -3.90 28.19
C LYS A 464 -4.61 -3.74 29.17
N ARG A 465 -5.26 -2.58 29.16
CA ARG A 465 -6.38 -2.28 30.03
C ARG A 465 -7.73 -2.71 29.42
N GLY A 466 -7.70 -3.57 28.40
CA GLY A 466 -8.89 -3.88 27.63
C GLY A 466 -10.08 -4.41 28.43
N1 UDP B . 8.68 -4.71 -3.95
C2 UDP B . 9.99 -5.14 -3.97
N3 UDP B . 10.50 -5.35 -5.22
C4 UDP B . 9.84 -5.16 -6.43
C5 UDP B . 8.50 -4.70 -6.33
C6 UDP B . 7.97 -4.50 -5.11
O2 UDP B . 10.63 -5.34 -2.95
O4 UDP B . 10.45 -5.39 -7.48
C1' UDP B . 8.06 -4.47 -2.63
C2' UDP B . 7.98 -2.98 -2.32
O2' UDP B . 9.20 -2.50 -1.82
C3' UDP B . 6.79 -2.95 -1.37
C4' UDP B . 5.86 -4.03 -1.94
O4' UDP B . 6.73 -4.93 -2.67
O3' UDP B . 7.21 -3.26 -0.05
C5' UDP B . 4.80 -3.49 -2.87
O5' UDP B . 3.74 -3.00 -2.03
PA UDP B . 2.77 -1.87 -2.63
O1A UDP B . 1.70 -1.69 -1.63
O2A UDP B . 3.57 -0.65 -2.94
O3A UDP B . 2.23 -2.52 -3.97
PB UDP B . 1.42 -3.88 -4.36
O1B UDP B . 1.97 -4.98 -3.50
O2B UDP B . -0.03 -3.58 -4.02
O3B UDP B . 1.68 -4.20 -5.81
C2 BGC C . -3.09 -3.22 -1.09
C3 BGC C . -1.93 -4.14 -1.23
C4 BGC C . -1.44 -4.66 0.08
C5 BGC C . -2.51 -5.07 1.09
C6 BGC C . -1.89 -4.63 2.39
C1 BGC C . -4.23 -3.78 -0.23
O1 BGC C . -5.26 -2.90 0.10
O2 BGC C . -3.67 -2.87 -2.35
O3 BGC C . -0.80 -3.44 -1.81
O4 BGC C . -0.57 -5.79 -0.11
O5 BGC C . -3.74 -4.32 1.06
O6 BGC C . -2.30 -5.60 3.27
#